data_2WIZ
#
_entry.id   2WIZ
#
_cell.length_a   122.650
_cell.length_b   122.650
_cell.length_c   125.510
_cell.angle_alpha   90.00
_cell.angle_beta   90.00
_cell.angle_gamma   120.00
#
_symmetry.space_group_name_H-M   'P 62 2 2'
#
loop_
_entity.id
_entity.type
_entity.pdbx_description
1 polymer 'ARCHAEAL HJC'
2 polymer HALF-JUNCTION
3 polymer HALF-JUNCTION
#
loop_
_entity_poly.entity_id
_entity_poly.type
_entity_poly.pdbx_seq_one_letter_code
_entity_poly.pdbx_strand_id
1 'polypeptide(L)'
;GTMGKSKGTRFERDLLVELWKAGFAAIRVAGSGVSPFPCPDIVAGNGRTYLAIEVKMRKELPLYLSADEVEQLVTFARGF
GAEAYVALKLPRKKWRFFPVQMLERTEKNFKIDESVYPLGLEIAEVAGKFFQERFGEKV
;
A,B
2 'polydeoxyribonucleotide' (DG)(DG)(DA)(DT)(DC)(DC)(DC)(DT)(DA)(DA)(DG)(DC)(DT)(DC)(DC)(DA)(DT)(DC)(DG)(DA) C
3 'polydeoxyribonucleotide' (DT)(DC)(DG)(DA)(DT)(DG)(DG)(DA)(DG)(DC)(DT)(DT)(DA)(DG)(DG)(DG)(DA)(DT)(DC)(DC) D
#
# COMPACT_ATOMS: atom_id res chain seq x y z
N THR A 9 1.36 9.57 -15.34
CA THR A 9 0.66 8.29 -15.42
C THR A 9 1.49 7.25 -16.17
N ARG A 10 2.23 7.71 -17.17
CA ARG A 10 3.10 6.83 -17.92
C ARG A 10 4.25 6.37 -17.04
N PHE A 11 4.59 7.20 -16.06
CA PHE A 11 5.75 6.96 -15.22
C PHE A 11 5.40 6.37 -13.86
N GLU A 12 4.23 6.70 -13.34
CA GLU A 12 3.75 5.96 -12.19
C GLU A 12 3.86 4.49 -12.58
N ARG A 13 3.44 4.19 -13.80
CA ARG A 13 3.61 2.87 -14.39
C ARG A 13 5.08 2.49 -14.41
N ASP A 14 5.86 3.30 -15.12
CA ASP A 14 7.30 3.09 -15.24
C ASP A 14 7.97 2.83 -13.89
N LEU A 15 8.05 3.86 -13.06
CA LEU A 15 8.62 3.76 -11.70
C LEU A 15 8.19 2.49 -10.97
N LEU A 16 6.88 2.31 -10.83
CA LEU A 16 6.32 1.11 -10.23
C LEU A 16 7.13 -0.13 -10.63
N VAL A 17 7.36 -0.31 -11.92
CA VAL A 17 8.18 -1.42 -12.39
C VAL A 17 9.59 -1.37 -11.79
N GLU A 18 10.23 -0.22 -11.87
CA GLU A 18 11.57 -0.07 -11.30
C GLU A 18 11.64 -0.56 -9.87
N LEU A 19 10.58 -0.30 -9.12
CA LEU A 19 10.51 -0.76 -7.74
C LEU A 19 10.47 -2.27 -7.66
N TRP A 20 9.58 -2.89 -8.43
CA TRP A 20 9.49 -4.34 -8.42
C TRP A 20 10.82 -4.91 -8.84
N LYS A 21 11.40 -4.35 -9.89
CA LYS A 21 12.72 -4.75 -10.36
C LYS A 21 13.72 -4.66 -9.21
N ALA A 22 13.43 -3.77 -8.26
CA ALA A 22 14.32 -3.54 -7.14
C ALA A 22 13.97 -4.38 -5.92
N GLY A 23 13.14 -5.40 -6.12
CA GLY A 23 12.75 -6.30 -5.05
C GLY A 23 11.72 -5.72 -4.10
N PHE A 24 11.13 -4.60 -4.49
CA PHE A 24 10.08 -4.00 -3.69
C PHE A 24 8.72 -4.47 -4.17
N ALA A 25 7.79 -4.64 -3.24
CA ALA A 25 6.39 -4.93 -3.57
C ALA A 25 5.65 -3.62 -3.56
N ALA A 26 5.41 -3.06 -4.73
CA ALA A 26 4.84 -1.72 -4.83
C ALA A 26 3.40 -1.77 -5.33
N ILE A 27 2.64 -0.71 -5.05
CA ILE A 27 1.29 -0.61 -5.59
C ILE A 27 0.88 0.84 -5.87
N ARG A 28 0.05 1.05 -6.88
CA ARG A 28 -0.49 2.37 -7.16
C ARG A 28 -1.76 2.56 -6.34
N VAL A 29 -1.74 3.59 -5.49
CA VAL A 29 -2.89 3.89 -4.65
C VAL A 29 -4.07 4.22 -5.54
N ALA A 30 -5.15 3.45 -5.38
CA ALA A 30 -6.36 3.65 -6.18
C ALA A 30 -6.84 5.08 -6.03
N GLY A 31 -6.65 5.86 -7.09
CA GLY A 31 -6.90 7.28 -7.05
C GLY A 31 -5.92 7.94 -6.11
N SER A 32 -4.90 8.57 -6.68
CA SER A 32 -3.88 9.26 -5.90
C SER A 32 -4.54 10.30 -4.98
N GLY A 33 -5.86 10.46 -5.13
CA GLY A 33 -6.62 11.37 -4.30
C GLY A 33 -8.12 11.15 -4.31
N VAL A 34 -8.61 10.26 -5.19
CA VAL A 34 -10.04 10.01 -5.29
C VAL A 34 -10.64 9.50 -3.98
N SER A 35 -9.82 8.83 -3.19
CA SER A 35 -10.25 8.31 -1.89
C SER A 35 -10.58 9.47 -0.96
N PRO A 36 -11.54 9.26 -0.04
CA PRO A 36 -11.86 10.28 0.95
C PRO A 36 -10.80 10.36 2.05
N PHE A 37 -9.52 10.30 1.69
CA PHE A 37 -8.43 10.39 2.65
C PHE A 37 -7.16 10.95 2.02
N PRO A 38 -6.17 11.30 2.85
CA PRO A 38 -4.82 11.63 2.39
C PRO A 38 -4.14 10.40 1.79
N CYS A 39 -3.56 10.55 0.60
CA CYS A 39 -2.97 9.40 -0.08
C CYS A 39 -1.69 9.75 -0.82
N PRO A 40 -0.77 8.76 -0.91
CA PRO A 40 0.45 8.85 -1.73
C PRO A 40 0.15 8.44 -3.16
N ASP A 41 1.06 8.71 -4.08
CA ASP A 41 0.89 8.22 -5.43
C ASP A 41 1.22 6.71 -5.49
N ILE A 42 2.22 6.28 -4.71
CA ILE A 42 2.64 4.89 -4.65
C ILE A 42 2.99 4.41 -3.23
N VAL A 43 2.70 3.14 -2.97
CA VAL A 43 3.11 2.50 -1.72
C VAL A 43 3.88 1.18 -1.97
N ALA A 44 5.08 1.09 -1.41
CA ALA A 44 5.92 -0.07 -1.60
C ALA A 44 6.49 -0.56 -0.28
N GLY A 45 6.49 -1.88 -0.11
CA GLY A 45 7.17 -2.50 1.02
C GLY A 45 8.06 -3.58 0.47
N ASN A 46 8.95 -4.12 1.31
CA ASN A 46 9.84 -5.20 0.90
C ASN A 46 10.33 -6.02 2.08
N GLY A 47 9.62 -5.90 3.20
CA GLY A 47 9.94 -6.66 4.39
C GLY A 47 10.70 -5.88 5.46
N ARG A 48 11.51 -4.91 5.02
CA ARG A 48 12.32 -4.16 5.96
C ARG A 48 12.13 -2.68 5.75
N THR A 49 11.83 -2.30 4.52
CA THR A 49 11.67 -0.89 4.17
C THR A 49 10.28 -0.64 3.61
N TYR A 50 9.64 0.44 4.06
CA TYR A 50 8.28 0.80 3.63
C TYR A 50 8.22 2.23 3.12
N LEU A 51 7.61 2.43 1.96
CA LEU A 51 7.66 3.74 1.31
C LEU A 51 6.28 4.34 1.03
N ALA A 52 6.09 5.57 1.52
CA ALA A 52 4.95 6.38 1.09
C ALA A 52 5.53 7.33 0.07
N ILE A 53 5.14 7.17 -1.18
CA ILE A 53 5.84 7.87 -2.25
C ILE A 53 4.96 8.84 -2.99
N GLU A 54 5.37 10.10 -3.06
CA GLU A 54 4.71 11.04 -3.95
C GLU A 54 5.50 11.15 -5.25
N VAL A 55 4.83 10.85 -6.35
CA VAL A 55 5.48 10.71 -7.64
C VAL A 55 5.34 11.95 -8.50
N LYS A 56 6.47 12.54 -8.89
CA LYS A 56 6.47 13.71 -9.75
C LYS A 56 7.44 13.57 -10.90
N MET A 57 7.05 14.12 -12.05
CA MET A 57 7.93 14.20 -13.20
C MET A 57 7.92 15.63 -13.73
N ARG A 58 9.07 16.27 -13.69
CA ARG A 58 9.22 17.61 -14.24
C ARG A 58 10.17 17.56 -15.43
N LYS A 59 10.11 18.58 -16.27
CA LYS A 59 10.96 18.64 -17.44
C LYS A 59 12.30 19.25 -17.07
N GLU A 60 12.30 19.97 -15.95
CA GLU A 60 13.51 20.62 -15.45
C GLU A 60 13.24 21.26 -14.10
N LEU A 61 14.26 21.26 -13.25
CA LEU A 61 14.16 21.87 -11.93
C LEU A 61 13.78 23.34 -12.08
N PRO A 62 13.20 23.93 -11.02
CA PRO A 62 12.85 23.28 -9.75
C PRO A 62 11.50 22.55 -9.79
N LEU A 63 11.24 21.79 -8.73
CA LEU A 63 9.95 21.17 -8.56
C LEU A 63 9.35 21.72 -7.28
N TYR A 64 8.26 22.46 -7.38
CA TYR A 64 7.61 22.99 -6.19
C TYR A 64 6.52 22.04 -5.69
N LEU A 65 6.36 21.99 -4.36
CA LEU A 65 5.33 21.15 -3.75
C LEU A 65 4.55 21.93 -2.71
N SER A 66 3.23 21.83 -2.78
CA SER A 66 2.37 22.50 -1.81
C SER A 66 2.60 21.92 -0.42
N ALA A 67 2.77 22.80 0.55
CA ALA A 67 2.95 22.39 1.94
C ALA A 67 1.83 21.44 2.30
N ASP A 68 0.70 21.62 1.65
CA ASP A 68 -0.43 20.74 1.81
C ASP A 68 -0.01 19.34 1.42
N GLU A 69 0.18 19.17 0.11
CA GLU A 69 0.68 17.93 -0.47
C GLU A 69 1.65 17.18 0.44
N VAL A 70 2.49 17.94 1.14
CA VAL A 70 3.55 17.37 1.98
C VAL A 70 3.04 16.82 3.31
N GLU A 71 2.38 17.65 4.10
CA GLU A 71 1.76 17.18 5.33
C GLU A 71 0.92 15.97 5.01
N GLN A 72 0.13 16.07 3.94
CA GLN A 72 -0.67 14.97 3.43
C GLN A 72 0.11 13.67 3.47
N LEU A 73 1.34 13.72 2.98
CA LEU A 73 2.18 12.55 2.88
C LEU A 73 2.73 12.12 4.24
N VAL A 74 3.46 13.02 4.90
CA VAL A 74 4.03 12.75 6.21
C VAL A 74 3.00 12.19 7.17
N THR A 75 1.85 12.86 7.22
CA THR A 75 0.75 12.41 8.04
C THR A 75 0.40 10.97 7.72
N PHE A 76 0.21 10.68 6.43
CA PHE A 76 -0.08 9.32 6.03
C PHE A 76 1.06 8.40 6.43
N ALA A 77 2.26 8.76 5.99
CA ALA A 77 3.44 7.95 6.26
C ALA A 77 3.65 7.75 7.77
N ARG A 78 3.56 8.83 8.53
CA ARG A 78 3.67 8.75 9.98
C ARG A 78 2.61 7.79 10.53
N GLY A 79 1.51 7.66 9.80
CA GLY A 79 0.38 6.89 10.28
C GLY A 79 0.33 5.44 9.82
N PHE A 80 0.78 5.20 8.60
CA PHE A 80 0.77 3.86 8.03
C PHE A 80 1.94 3.05 8.59
N GLY A 81 3.09 3.72 8.71
CA GLY A 81 4.31 3.06 9.15
C GLY A 81 5.29 3.00 7.99
N ALA A 82 5.36 4.07 7.21
CA ALA A 82 6.23 4.11 6.04
C ALA A 82 7.08 5.38 6.02
N GLU A 83 8.18 5.33 5.28
CA GLU A 83 9.01 6.51 5.09
C GLU A 83 8.46 7.32 3.93
N ALA A 84 8.18 8.59 4.20
CA ALA A 84 7.65 9.45 3.15
C ALA A 84 8.75 9.94 2.21
N TYR A 85 8.59 9.67 0.91
CA TYR A 85 9.58 10.05 -0.08
C TYR A 85 8.92 10.81 -1.20
N VAL A 86 9.71 11.62 -1.89
CA VAL A 86 9.28 12.18 -3.16
C VAL A 86 10.15 11.54 -4.22
N ALA A 87 9.53 10.88 -5.18
CA ALA A 87 10.23 10.37 -6.35
C ALA A 87 10.08 11.39 -7.47
N LEU A 88 11.21 11.82 -8.03
CA LEU A 88 11.17 12.82 -9.08
C LEU A 88 11.90 12.34 -10.34
N LYS A 89 11.15 12.19 -11.42
CA LYS A 89 11.75 11.76 -12.69
C LYS A 89 12.07 12.95 -13.58
N LEU A 90 13.36 13.17 -13.80
CA LEU A 90 13.82 14.20 -14.74
C LEU A 90 14.24 13.57 -16.07
N PRO A 91 14.01 14.28 -17.17
CA PRO A 91 14.23 13.71 -18.52
C PRO A 91 15.65 13.20 -18.71
N ARG A 92 15.77 12.02 -19.30
CA ARG A 92 17.08 11.39 -19.55
C ARG A 92 17.92 11.17 -18.30
N LYS A 93 17.29 11.26 -17.12
CA LYS A 93 17.92 10.87 -15.86
C LYS A 93 17.10 9.76 -15.24
N LYS A 94 17.69 9.00 -14.33
CA LYS A 94 16.95 7.94 -13.67
C LYS A 94 16.05 8.61 -12.64
N TRP A 95 15.11 7.85 -12.10
CA TRP A 95 14.30 8.30 -10.98
C TRP A 95 15.20 8.68 -9.81
N ARG A 96 14.74 9.65 -9.02
CA ARG A 96 15.48 10.05 -7.82
C ARG A 96 14.55 10.11 -6.62
N PHE A 97 14.98 9.50 -5.54
CA PHE A 97 14.17 9.45 -4.33
C PHE A 97 14.65 10.42 -3.29
N PHE A 98 13.72 11.19 -2.75
CA PHE A 98 14.05 12.22 -1.78
C PHE A 98 13.17 12.02 -0.57
N PRO A 99 13.80 11.76 0.59
CA PRO A 99 13.06 11.79 1.86
C PRO A 99 12.51 13.19 2.05
N VAL A 100 11.36 13.31 2.71
CA VAL A 100 10.76 14.63 2.90
C VAL A 100 11.70 15.55 3.67
N GLN A 101 12.45 14.99 4.61
CA GLN A 101 13.34 15.77 5.46
C GLN A 101 14.33 16.56 4.61
N MET A 102 14.51 16.12 3.38
CA MET A 102 15.51 16.67 2.47
C MET A 102 14.99 17.89 1.71
N LEU A 103 13.66 18.01 1.61
CA LEU A 103 13.03 19.12 0.89
C LEU A 103 13.27 20.47 1.53
N GLU A 104 13.86 21.37 0.74
CA GLU A 104 14.02 22.75 1.18
C GLU A 104 12.73 23.52 0.97
N ARG A 105 12.44 24.42 1.91
CA ARG A 105 11.17 25.14 1.92
C ARG A 105 11.31 26.49 1.23
N THR A 106 10.29 26.87 0.45
CA THR A 106 10.17 28.24 -0.04
C THR A 106 9.48 29.04 1.05
N GLU A 107 9.04 30.26 0.76
CA GLU A 107 8.43 31.07 1.81
C GLU A 107 7.40 30.29 2.63
N LYS A 108 6.50 29.57 1.96
CA LYS A 108 5.51 28.76 2.66
C LYS A 108 5.08 27.50 1.89
N ASN A 109 5.91 27.09 0.93
CA ASN A 109 5.79 25.79 0.31
C ASN A 109 7.15 25.12 0.36
N PHE A 110 7.32 24.02 -0.37
CA PHE A 110 8.64 23.38 -0.47
C PHE A 110 9.13 23.32 -1.89
N LYS A 111 10.32 22.75 -2.08
CA LYS A 111 10.92 22.67 -3.39
C LYS A 111 12.08 21.69 -3.43
N ILE A 112 12.32 21.11 -4.60
CA ILE A 112 13.60 20.52 -4.92
C ILE A 112 14.19 21.32 -6.07
N ASP A 113 15.38 21.87 -5.86
CA ASP A 113 16.03 22.64 -6.91
C ASP A 113 17.37 22.04 -7.28
N GLU A 114 18.22 22.84 -7.91
CA GLU A 114 19.49 22.35 -8.41
C GLU A 114 20.46 22.08 -7.27
N SER A 115 20.17 22.63 -6.09
CA SER A 115 21.01 22.37 -4.93
C SER A 115 20.65 21.04 -4.29
N VAL A 116 19.38 20.68 -4.31
CA VAL A 116 18.94 19.44 -3.66
C VAL A 116 19.02 18.23 -4.58
N TYR A 117 18.54 18.39 -5.81
CA TYR A 117 18.44 17.27 -6.74
C TYR A 117 19.64 16.32 -6.67
N PRO A 118 20.87 16.85 -6.70
CA PRO A 118 22.07 16.01 -6.77
C PRO A 118 22.13 15.00 -5.63
N LEU A 119 21.44 15.31 -4.54
CA LEU A 119 21.56 14.53 -3.32
C LEU A 119 20.46 13.48 -3.20
N GLY A 120 19.56 13.46 -4.17
CA GLY A 120 18.53 12.44 -4.22
C GLY A 120 19.16 11.06 -4.29
N LEU A 121 18.41 10.04 -3.88
CA LEU A 121 18.93 8.68 -3.87
C LEU A 121 18.44 7.88 -5.06
N GLU A 122 19.34 7.11 -5.65
CA GLU A 122 18.91 6.06 -6.54
C GLU A 122 18.13 5.10 -5.66
N ILE A 123 17.32 4.26 -6.30
CA ILE A 123 16.41 3.39 -5.56
C ILE A 123 17.14 2.39 -4.67
N ALA A 124 18.23 1.81 -5.16
CA ALA A 124 19.01 0.88 -4.35
C ALA A 124 19.35 1.50 -3.01
N GLU A 125 20.05 2.63 -3.06
CA GLU A 125 20.43 3.33 -1.84
C GLU A 125 19.24 3.51 -0.92
N VAL A 126 18.04 3.53 -1.48
CA VAL A 126 16.84 3.64 -0.66
C VAL A 126 16.58 2.34 0.10
N ALA A 127 16.62 1.22 -0.63
CA ALA A 127 16.39 -0.07 -0.01
C ALA A 127 17.55 -0.46 0.89
N GLY A 128 18.75 -0.05 0.49
CA GLY A 128 19.97 -0.34 1.23
C GLY A 128 20.32 0.73 2.25
N LYS A 129 19.43 1.71 2.43
CA LYS A 129 19.60 2.66 3.52
C LYS A 129 19.22 1.95 4.81
N PHE A 130 18.56 0.80 4.65
CA PHE A 130 18.20 -0.03 5.78
C PHE A 130 19.45 -0.67 6.40
N PHE A 131 20.41 -1.02 5.56
CA PHE A 131 21.66 -1.57 6.05
C PHE A 131 22.65 -0.46 6.39
N GLN A 132 22.23 0.41 7.30
CA GLN A 132 23.08 1.46 7.84
C GLN A 132 22.52 2.01 9.14
N GLU A 133 22.30 1.16 10.14
CA GLU A 133 22.47 -0.29 10.04
C GLU A 133 21.15 -0.99 10.39
N THR B 9 -16.85 -3.00 -4.62
CA THR B 9 -16.49 -1.66 -5.09
C THR B 9 -17.15 -0.57 -4.25
N ARG B 10 -18.46 -0.69 -4.07
CA ARG B 10 -19.19 0.21 -3.20
C ARG B 10 -18.88 -0.19 -1.76
N PHE B 11 -18.24 -1.33 -1.62
CA PHE B 11 -17.92 -1.91 -0.32
C PHE B 11 -16.55 -1.47 0.14
N GLU B 12 -15.56 -1.68 -0.72
CA GLU B 12 -14.20 -1.31 -0.40
C GLU B 12 -14.17 0.03 0.31
N ARG B 13 -14.85 1.02 -0.26
CA ARG B 13 -14.87 2.36 0.30
C ARG B 13 -15.12 2.37 1.82
N ASP B 14 -16.22 1.77 2.23
CA ASP B 14 -16.63 1.79 3.63
C ASP B 14 -15.81 0.84 4.49
N LEU B 15 -15.23 -0.18 3.87
CA LEU B 15 -14.33 -1.06 4.57
C LEU B 15 -13.05 -0.29 4.93
N LEU B 16 -12.57 0.51 3.98
CA LEU B 16 -11.48 1.43 4.25
C LEU B 16 -11.90 2.22 5.47
N VAL B 17 -13.18 2.61 5.49
CA VAL B 17 -13.71 3.34 6.63
C VAL B 17 -13.57 2.54 7.91
N GLU B 18 -14.28 1.43 8.01
CA GLU B 18 -14.09 0.52 9.12
C GLU B 18 -12.61 0.49 9.49
N LEU B 19 -11.75 0.43 8.47
CA LEU B 19 -10.31 0.36 8.64
C LEU B 19 -9.66 1.61 9.24
N TRP B 20 -10.09 2.79 8.82
CA TRP B 20 -9.49 4.01 9.34
C TRP B 20 -9.91 4.19 10.79
N LYS B 21 -11.08 3.64 11.13
CA LYS B 21 -11.57 3.70 12.50
C LYS B 21 -10.67 2.89 13.42
N ALA B 22 -10.28 1.71 12.97
CA ALA B 22 -9.43 0.80 13.73
C ALA B 22 -8.01 1.33 13.84
N GLY B 23 -7.79 2.53 13.32
CA GLY B 23 -6.47 3.13 13.32
C GLY B 23 -5.55 2.53 12.27
N PHE B 24 -6.09 2.29 11.08
CA PHE B 24 -5.30 1.75 9.98
C PHE B 24 -5.23 2.74 8.81
N ALA B 25 -4.02 3.03 8.37
CA ALA B 25 -3.83 3.76 7.13
C ALA B 25 -4.11 2.80 6.00
N ALA B 26 -5.29 2.93 5.41
CA ALA B 26 -5.71 2.01 4.37
C ALA B 26 -5.50 2.67 3.02
N ILE B 27 -5.36 1.86 1.99
CA ILE B 27 -5.39 2.36 0.62
C ILE B 27 -5.95 1.26 -0.27
N ARG B 28 -6.56 1.64 -1.38
CA ARG B 28 -6.99 0.67 -2.37
C ARG B 28 -5.93 0.57 -3.46
N VAL B 29 -6.02 -0.48 -4.26
CA VAL B 29 -5.05 -0.65 -5.33
C VAL B 29 -5.66 -0.29 -6.68
N ALA B 30 -4.93 0.51 -7.47
CA ALA B 30 -5.44 0.99 -8.75
C ALA B 30 -5.22 -0.01 -9.89
N GLY B 31 -6.14 -0.97 -10.03
CA GLY B 31 -6.07 -1.96 -11.08
C GLY B 31 -5.48 -3.29 -10.62
N SER B 32 -6.21 -3.99 -9.75
CA SER B 32 -5.74 -5.23 -9.11
C SER B 32 -4.89 -6.11 -10.02
N GLY B 33 -5.54 -6.84 -10.93
CA GLY B 33 -4.84 -7.76 -11.81
C GLY B 33 -3.71 -7.12 -12.59
N VAL B 34 -4.01 -6.00 -13.24
CA VAL B 34 -3.10 -5.29 -14.14
C VAL B 34 -1.77 -6.00 -14.46
N SER B 35 -0.68 -5.54 -13.84
CA SER B 35 0.67 -6.01 -14.14
C SER B 35 0.88 -7.50 -13.89
N PRO B 36 1.99 -8.05 -14.40
CA PRO B 36 2.36 -9.47 -14.20
C PRO B 36 2.61 -9.79 -12.73
N PHE B 37 2.54 -8.76 -11.89
CA PHE B 37 2.76 -8.92 -10.45
C PHE B 37 1.43 -9.01 -9.72
N PRO B 38 1.45 -9.57 -8.49
CA PRO B 38 0.21 -9.85 -7.77
C PRO B 38 -0.28 -8.58 -7.11
N CYS B 39 -1.54 -8.57 -6.69
CA CYS B 39 -2.11 -7.40 -6.06
C CYS B 39 -3.22 -7.85 -5.13
N PRO B 40 -3.27 -7.25 -3.93
CA PRO B 40 -4.41 -7.34 -3.01
C PRO B 40 -5.45 -6.30 -3.40
N ASP B 41 -6.54 -6.25 -2.67
CA ASP B 41 -7.56 -5.24 -2.93
C ASP B 41 -7.32 -4.03 -2.03
N ILE B 42 -6.75 -4.30 -0.86
CA ILE B 42 -6.42 -3.25 0.08
C ILE B 42 -5.09 -3.55 0.78
N VAL B 43 -4.31 -2.50 1.00
CA VAL B 43 -3.10 -2.60 1.80
C VAL B 43 -3.17 -1.55 2.90
N ALA B 44 -3.19 -2.01 4.14
CA ALA B 44 -3.31 -1.09 5.27
C ALA B 44 -2.27 -1.41 6.32
N GLY B 45 -1.86 -0.39 7.05
CA GLY B 45 -0.89 -0.55 8.12
C GLY B 45 -1.21 0.42 9.23
N ASN B 46 -0.51 0.29 10.35
CA ASN B 46 -0.72 1.19 11.48
C ASN B 46 0.56 1.38 12.29
N GLY B 47 1.69 0.97 11.74
CA GLY B 47 2.97 1.18 12.37
C GLY B 47 3.57 -0.10 12.89
N ARG B 48 2.74 -0.95 13.47
CA ARG B 48 3.20 -2.22 13.98
C ARG B 48 2.74 -3.36 13.10
N THR B 49 1.60 -3.17 12.44
CA THR B 49 0.99 -4.22 11.65
C THR B 49 0.72 -3.79 10.21
N TYR B 50 0.97 -4.71 9.26
CA TYR B 50 0.68 -4.47 7.86
C TYR B 50 -0.25 -5.53 7.30
N LEU B 51 -1.09 -5.15 6.34
CA LEU B 51 -2.12 -6.05 5.83
C LEU B 51 -2.35 -5.98 4.32
N ALA B 52 -2.25 -7.14 3.67
CA ALA B 52 -2.72 -7.32 2.30
C ALA B 52 -4.11 -7.95 2.40
N ILE B 53 -5.07 -7.44 1.64
CA ILE B 53 -6.43 -7.91 1.83
C ILE B 53 -7.17 -8.29 0.55
N GLU B 54 -7.69 -9.51 0.51
CA GLU B 54 -8.62 -9.88 -0.55
C GLU B 54 -10.03 -9.63 -0.05
N VAL B 55 -10.68 -8.64 -0.66
CA VAL B 55 -12.00 -8.21 -0.23
C VAL B 55 -13.09 -9.02 -0.94
N LYS B 56 -13.92 -9.72 -0.15
CA LYS B 56 -15.01 -10.53 -0.68
C LYS B 56 -16.35 -10.20 -0.01
N MET B 57 -17.43 -10.32 -0.77
CA MET B 57 -18.77 -10.19 -0.22
C MET B 57 -19.66 -11.20 -0.90
N ARG B 58 -20.63 -11.73 -0.15
CA ARG B 58 -21.52 -12.75 -0.66
C ARG B 58 -22.89 -12.62 0.00
N LYS B 59 -23.94 -13.03 -0.71
CA LYS B 59 -25.27 -13.06 -0.13
C LYS B 59 -25.31 -14.09 1.00
N GLU B 60 -24.74 -15.26 0.76
CA GLU B 60 -24.68 -16.32 1.77
C GLU B 60 -23.33 -17.03 1.75
N LEU B 61 -23.19 -18.07 2.56
CA LEU B 61 -21.99 -18.88 2.59
C LEU B 61 -22.15 -20.11 1.68
N PRO B 62 -21.04 -20.82 1.40
CA PRO B 62 -19.67 -20.57 1.83
C PRO B 62 -18.92 -19.72 0.82
N LEU B 63 -17.81 -19.14 1.23
CA LEU B 63 -16.99 -18.38 0.32
C LEU B 63 -15.93 -19.27 -0.31
N TYR B 64 -15.87 -19.27 -1.64
CA TYR B 64 -14.87 -20.06 -2.35
C TYR B 64 -13.71 -19.22 -2.86
N LEU B 65 -12.52 -19.83 -2.83
CA LEU B 65 -11.29 -19.16 -3.25
C LEU B 65 -10.40 -20.16 -3.96
N SER B 66 -10.04 -19.84 -5.20
CA SER B 66 -9.16 -20.68 -5.97
C SER B 66 -7.78 -20.67 -5.32
N ALA B 67 -7.07 -21.78 -5.44
CA ALA B 67 -5.72 -21.87 -4.92
C ALA B 67 -4.89 -20.72 -5.47
N ASP B 68 -5.12 -20.38 -6.74
CA ASP B 68 -4.35 -19.34 -7.41
C ASP B 68 -4.67 -17.94 -6.87
N GLU B 69 -5.90 -17.76 -6.41
CA GLU B 69 -6.31 -16.49 -5.84
C GLU B 69 -5.55 -16.22 -4.55
N VAL B 70 -5.63 -17.18 -3.64
CA VAL B 70 -4.88 -17.18 -2.40
C VAL B 70 -3.37 -17.14 -2.65
N GLU B 71 -2.90 -17.98 -3.57
CA GLU B 71 -1.48 -17.99 -3.92
C GLU B 71 -0.99 -16.58 -4.17
N GLN B 72 -1.68 -15.84 -5.05
CA GLN B 72 -1.29 -14.47 -5.38
C GLN B 72 -1.18 -13.64 -4.13
N LEU B 73 -2.27 -13.55 -3.37
CA LEU B 73 -2.30 -12.74 -2.17
C LEU B 73 -1.12 -13.02 -1.23
N VAL B 74 -0.96 -14.28 -0.88
CA VAL B 74 0.13 -14.65 0.01
C VAL B 74 1.49 -14.21 -0.54
N THR B 75 1.69 -14.41 -1.84
CA THR B 75 2.95 -13.95 -2.45
C THR B 75 3.16 -12.45 -2.23
N PHE B 76 2.17 -11.63 -2.56
CA PHE B 76 2.33 -10.20 -2.34
C PHE B 76 2.57 -9.93 -0.87
N ALA B 77 1.67 -10.44 -0.03
CA ALA B 77 1.73 -10.21 1.41
C ALA B 77 3.11 -10.53 1.93
N ARG B 78 3.59 -11.72 1.60
CA ARG B 78 4.88 -12.19 2.04
C ARG B 78 6.02 -11.30 1.56
N GLY B 79 6.05 -11.03 0.26
CA GLY B 79 7.11 -10.25 -0.33
C GLY B 79 7.10 -8.78 0.04
N PHE B 80 5.92 -8.25 0.35
CA PHE B 80 5.75 -6.86 0.78
C PHE B 80 6.18 -6.67 2.24
N GLY B 81 5.75 -7.61 3.07
CA GLY B 81 6.01 -7.56 4.51
C GLY B 81 4.71 -7.32 5.26
N ALA B 82 3.64 -7.95 4.83
CA ALA B 82 2.35 -7.79 5.49
C ALA B 82 1.65 -9.13 5.73
N GLU B 83 0.41 -9.07 6.23
CA GLU B 83 -0.32 -10.29 6.55
C GLU B 83 -1.48 -10.58 5.60
N ALA B 84 -1.48 -11.78 5.04
CA ALA B 84 -2.54 -12.24 4.17
C ALA B 84 -3.88 -12.35 4.90
N TYR B 85 -4.79 -11.44 4.58
CA TYR B 85 -6.12 -11.51 5.15
C TYR B 85 -7.17 -11.48 4.06
N VAL B 86 -8.27 -12.18 4.32
CA VAL B 86 -9.46 -12.08 3.48
C VAL B 86 -10.56 -11.40 4.28
N ALA B 87 -11.06 -10.29 3.76
CA ALA B 87 -12.18 -9.60 4.39
C ALA B 87 -13.45 -10.18 3.80
N LEU B 88 -14.32 -10.71 4.65
CA LEU B 88 -15.60 -11.22 4.16
C LEU B 88 -16.75 -10.38 4.70
N LYS B 89 -17.56 -9.87 3.78
CA LYS B 89 -18.75 -9.11 4.19
C LYS B 89 -20.02 -9.89 3.87
N LEU B 90 -20.80 -10.18 4.89
CA LEU B 90 -22.08 -10.82 4.70
C LEU B 90 -23.19 -9.82 5.00
N PRO B 91 -24.35 -9.98 4.35
CA PRO B 91 -25.41 -8.97 4.36
C PRO B 91 -25.84 -8.56 5.78
N ARG B 92 -25.72 -7.26 6.06
CA ARG B 92 -26.13 -6.69 7.35
C ARG B 92 -25.22 -7.10 8.49
N LYS B 93 -24.41 -8.14 8.26
CA LYS B 93 -23.39 -8.57 9.20
C LYS B 93 -22.13 -7.73 9.03
N LYS B 94 -21.36 -7.58 10.10
CA LYS B 94 -20.13 -6.79 10.04
C LYS B 94 -18.97 -7.60 9.47
N TRP B 95 -17.97 -6.90 8.94
CA TRP B 95 -16.81 -7.54 8.33
C TRP B 95 -16.07 -8.44 9.29
N ARG B 96 -15.82 -9.68 8.86
CA ARG B 96 -14.96 -10.59 9.61
C ARG B 96 -13.68 -10.78 8.82
N PHE B 97 -12.58 -10.98 9.54
CA PHE B 97 -11.27 -11.13 8.93
C PHE B 97 -10.68 -12.51 9.13
N PHE B 98 -10.24 -13.11 8.04
CA PHE B 98 -9.71 -14.47 8.06
C PHE B 98 -8.29 -14.50 7.51
N PRO B 99 -7.31 -14.85 8.36
CA PRO B 99 -5.95 -15.07 7.88
C PRO B 99 -5.93 -16.32 7.01
N VAL B 100 -5.06 -16.33 6.01
CA VAL B 100 -5.00 -17.45 5.10
C VAL B 100 -4.80 -18.74 5.87
N GLN B 101 -3.97 -18.70 6.90
CA GLN B 101 -3.75 -19.88 7.71
C GLN B 101 -5.09 -20.51 8.10
N MET B 102 -6.08 -19.64 8.29
CA MET B 102 -7.39 -20.03 8.81
C MET B 102 -8.34 -20.64 7.78
N LEU B 103 -8.08 -20.40 6.49
CA LEU B 103 -8.95 -20.89 5.42
C LEU B 103 -9.06 -22.40 5.36
N GLU B 104 -10.27 -22.90 5.12
CA GLU B 104 -10.43 -24.33 4.96
C GLU B 104 -9.93 -24.75 3.60
N ARG B 105 -8.95 -25.64 3.58
CA ARG B 105 -8.48 -26.22 2.34
C ARG B 105 -9.55 -27.20 1.87
N THR B 106 -9.74 -27.30 0.57
CA THR B 106 -10.63 -28.31 -0.02
C THR B 106 -9.85 -29.34 -0.84
N GLU B 107 -10.58 -30.22 -1.52
CA GLU B 107 -9.98 -31.19 -2.41
C GLU B 107 -8.72 -30.60 -3.05
N LYS B 108 -8.82 -29.37 -3.54
CA LYS B 108 -7.66 -28.70 -4.12
C LYS B 108 -7.69 -27.18 -4.04
N ASN B 109 -8.69 -26.61 -3.39
CA ASN B 109 -8.81 -25.16 -3.29
C ASN B 109 -9.02 -24.65 -1.87
N PHE B 110 -9.76 -23.55 -1.73
CA PHE B 110 -10.04 -22.97 -0.41
C PHE B 110 -11.50 -22.53 -0.30
N LYS B 111 -11.91 -22.18 0.93
CA LYS B 111 -13.31 -21.88 1.21
C LYS B 111 -13.55 -21.48 2.67
N ILE B 112 -14.68 -20.82 2.90
CA ILE B 112 -15.13 -20.48 4.25
C ILE B 112 -16.61 -20.81 4.43
N ASP B 113 -16.90 -21.83 5.24
CA ASP B 113 -18.26 -22.25 5.47
C ASP B 113 -18.76 -21.86 6.87
N GLU B 114 -20.00 -22.26 7.18
CA GLU B 114 -20.61 -21.96 8.46
C GLU B 114 -19.69 -22.32 9.61
N SER B 115 -18.94 -23.40 9.43
CA SER B 115 -18.09 -23.90 10.49
C SER B 115 -16.79 -23.12 10.61
N VAL B 116 -16.63 -22.09 9.79
CA VAL B 116 -15.40 -21.30 9.82
C VAL B 116 -15.62 -19.82 10.10
N TYR B 117 -16.62 -19.24 9.44
CA TYR B 117 -16.97 -17.82 9.65
C TYR B 117 -16.88 -17.39 11.12
N PRO B 118 -17.38 -18.24 12.04
CA PRO B 118 -17.33 -18.03 13.50
C PRO B 118 -15.99 -17.54 14.02
N LEU B 119 -14.92 -18.03 13.43
CA LEU B 119 -13.57 -17.77 13.93
C LEU B 119 -13.05 -16.45 13.43
N GLY B 120 -13.63 -15.97 12.34
CA GLY B 120 -13.25 -14.69 11.77
C GLY B 120 -13.06 -13.64 12.85
N LEU B 121 -12.19 -12.67 12.59
CA LEU B 121 -11.93 -11.63 13.56
C LEU B 121 -12.69 -10.37 13.19
N GLU B 122 -13.34 -9.76 14.17
CA GLU B 122 -13.87 -8.42 13.95
C GLU B 122 -12.64 -7.52 13.85
N ILE B 123 -12.72 -6.54 12.97
CA ILE B 123 -11.57 -5.70 12.62
C ILE B 123 -10.69 -5.30 13.80
N ALA B 124 -11.28 -5.16 14.97
CA ALA B 124 -10.57 -4.71 16.15
C ALA B 124 -9.65 -5.79 16.72
N GLU B 125 -10.11 -7.04 16.71
CA GLU B 125 -9.28 -8.15 17.17
C GLU B 125 -7.98 -8.12 16.39
N VAL B 126 -8.10 -7.92 15.08
CA VAL B 126 -6.95 -7.90 14.17
C VAL B 126 -5.90 -6.88 14.57
N ALA B 127 -6.34 -5.65 14.87
CA ALA B 127 -5.42 -4.61 15.29
C ALA B 127 -4.75 -4.95 16.63
N GLY B 128 -5.51 -4.91 17.71
CA GLY B 128 -4.98 -5.13 19.04
C GLY B 128 -4.44 -6.53 19.32
N LYS B 129 -4.34 -7.33 18.26
CA LYS B 129 -3.87 -8.71 18.35
C LYS B 129 -2.35 -8.76 18.54
N PHE B 130 -1.67 -7.76 17.96
CA PHE B 130 -0.21 -7.68 17.99
C PHE B 130 0.29 -7.11 19.33
#